data_3X2S
#
_entry.id   3X2S
#
_cell.length_a   60.114
_cell.length_b   58.992
_cell.length_c   118.308
_cell.angle_alpha   90.00
_cell.angle_beta   90.00
_cell.angle_gamma   90.00
#
_symmetry.space_group_name_H-M   'P 21 21 21'
#
loop_
_entity.id
_entity.type
_entity.pdbx_description
1 polymer 'Adenylate kinase'
2 non-polymer N-(pyren-1-ylmethyl)acetamide
3 non-polymer "BIS(ADENOSINE)-5'-PENTAPHOSPHATE"
4 non-polymer 'MAGNESIUM ION'
5 water water
#
_entity_poly.entity_id   1
_entity_poly.type   'polypeptide(L)'
_entity_poly.pdbx_seq_one_letter_code
;MRIILLGAPGAGKGTQAQFIMEKYGIPQISTGDMLRAAVKSGSELGKQAKDIMDCGKLVTDELVIALVKERIAQEDSRNG
FLLDGFPRTIPQADAMKEAGINVDYVLEFDVPDELIVDRIVGRRVHAPSGRVYHVKFNPPKVEGKDDVTGEELTTRKDDQ
EETVRKRLCEYHQMTAPLIGYYSKEAEAGNTKYAKVDGTKPVAEVRADLEKILG
;
_entity_poly.pdbx_strand_id   A,B
#
loop_
_chem_comp.id
_chem_comp.type
_chem_comp.name
_chem_comp.formula
AP5 non-polymer BIS(ADENOSINE)-5'-PENTAPHOSPHATE 'C20 H29 N10 O22 P5'
JPY non-polymer N-(pyren-1-ylmethyl)acetamide 'C19 H15 N O'
MG non-polymer 'MAGNESIUM ION' 'Mg 2'
#
# COMPACT_ATOMS: atom_id res chain seq x y z
N MET A 1 16.63 19.01 19.07
CA MET A 1 15.98 18.58 17.80
C MET A 1 14.49 18.83 17.73
N ARG A 2 14.08 19.50 16.66
CA ARG A 2 12.68 19.81 16.42
C ARG A 2 12.33 19.19 15.07
N ILE A 3 11.42 18.22 15.13
CA ILE A 3 11.01 17.49 13.95
C ILE A 3 9.51 17.51 13.70
N ILE A 4 9.14 17.47 12.43
CA ILE A 4 7.73 17.46 12.03
C ILE A 4 7.42 16.20 11.23
N LEU A 5 6.42 15.45 11.67
CA LEU A 5 6.02 14.26 10.95
C LEU A 5 4.77 14.63 10.15
N LEU A 6 4.95 14.66 8.84
CA LEU A 6 3.87 14.99 7.92
C LEU A 6 3.37 13.71 7.27
N GLY A 7 2.06 13.49 7.27
CA GLY A 7 1.56 12.28 6.66
C GLY A 7 0.11 12.05 6.99
N ALA A 8 -0.55 11.24 6.18
CA ALA A 8 -1.98 10.94 6.35
C ALA A 8 -2.31 9.97 7.47
N PRO A 9 -3.60 9.87 7.83
CA PRO A 9 -4.08 8.96 8.88
C PRO A 9 -3.45 7.59 8.63
N GLY A 10 -3.31 6.79 9.67
CA GLY A 10 -2.71 5.46 9.52
C GLY A 10 -1.42 5.38 8.72
N ALA A 11 -0.67 6.47 8.61
CA ALA A 11 0.58 6.48 7.85
C ALA A 11 1.78 5.88 8.59
N GLY A 12 1.68 5.80 9.92
CA GLY A 12 2.76 5.23 10.71
C GLY A 12 3.37 6.19 11.71
N LYS A 13 3.00 7.47 11.59
CA LYS A 13 3.48 8.55 12.45
C LYS A 13 3.50 8.22 13.93
N GLY A 14 2.34 7.83 14.47
CA GLY A 14 2.27 7.47 15.87
C GLY A 14 3.34 6.42 16.16
N THR A 15 3.28 5.30 15.44
CA THR A 15 4.25 4.23 15.61
C THR A 15 5.72 4.71 15.55
N GLN A 16 6.10 5.38 14.47
CA GLN A 16 7.47 5.84 14.34
C GLN A 16 7.93 6.83 15.39
N ALA A 17 6.98 7.56 15.97
CA ALA A 17 7.31 8.53 16.99
C ALA A 17 7.92 7.85 18.22
N GLN A 18 7.42 6.67 18.59
CA GLN A 18 7.95 5.97 19.76
C GLN A 18 9.45 5.87 19.62
N PHE A 19 9.87 5.09 18.64
CA PHE A 19 11.28 4.90 18.35
C PHE A 19 12.05 6.21 18.46
N ILE A 20 11.65 7.23 17.70
CA ILE A 20 12.33 8.52 17.71
C ILE A 20 12.42 9.13 19.10
N MET A 21 11.28 9.20 19.79
CA MET A 21 11.25 9.78 21.13
C MET A 21 12.39 9.24 21.99
N GLU A 22 12.45 7.93 22.14
CA GLU A 22 13.50 7.33 22.96
C GLU A 22 14.87 7.41 22.28
N LYS A 23 14.87 7.33 20.96
CA LYS A 23 16.10 7.38 20.20
C LYS A 23 16.77 8.74 20.32
N TYR A 24 15.99 9.78 20.53
CA TYR A 24 16.57 11.12 20.59
C TYR A 24 16.13 11.94 21.78
N GLY A 25 15.57 11.28 22.76
CA GLY A 25 15.13 11.96 23.96
C GLY A 25 14.28 13.21 23.79
N ILE A 26 13.44 13.27 22.75
CA ILE A 26 12.58 14.43 22.57
C ILE A 26 11.14 14.03 22.82
N PRO A 27 10.35 14.89 23.48
CA PRO A 27 8.95 14.63 23.78
C PRO A 27 8.08 14.52 22.54
N GLN A 28 7.27 13.46 22.48
CA GLN A 28 6.40 13.29 21.34
C GLN A 28 5.13 14.12 21.51
N ILE A 29 5.02 15.20 20.76
CA ILE A 29 3.84 16.04 20.83
C ILE A 29 2.86 15.61 19.74
N SER A 30 1.76 15.00 20.15
CA SER A 30 0.75 14.52 19.22
C SER A 30 -0.57 15.22 19.53
N THR A 31 -0.97 16.16 18.69
CA THR A 31 -2.21 16.90 18.87
C THR A 31 -3.41 15.95 18.98
N GLY A 32 -3.46 14.94 18.13
CA GLY A 32 -4.57 14.01 18.20
C GLY A 32 -4.60 13.24 19.51
N ASP A 33 -3.47 12.68 19.91
CA ASP A 33 -3.42 11.94 21.16
C ASP A 33 -3.81 12.88 22.29
N MET A 34 -3.20 14.06 22.32
CA MET A 34 -3.48 15.06 23.34
C MET A 34 -4.96 15.44 23.34
N LEU A 35 -5.57 15.50 22.18
CA LEU A 35 -6.98 15.85 22.09
C LEU A 35 -7.83 14.66 22.53
N ARG A 36 -7.35 13.45 22.25
CA ARG A 36 -8.08 12.27 22.65
C ARG A 36 -8.29 12.24 24.16
N ALA A 37 -7.22 12.47 24.91
CA ALA A 37 -7.29 12.44 26.37
C ALA A 37 -7.70 13.75 27.04
N ALA A 38 -7.95 14.79 26.24
CA ALA A 38 -8.37 16.09 26.79
C ALA A 38 -9.88 16.05 26.90
N VAL A 39 -10.51 15.25 26.04
CA VAL A 39 -11.95 15.07 26.04
C VAL A 39 -12.24 13.88 26.95
N LYS A 40 -11.26 12.97 27.06
CA LYS A 40 -11.38 11.78 27.91
C LYS A 40 -11.43 12.23 29.38
N SER A 41 -11.35 13.55 29.57
CA SER A 41 -11.39 14.13 30.91
C SER A 41 -12.57 15.10 30.98
N GLY A 42 -12.88 15.72 29.84
CA GLY A 42 -13.97 16.67 29.77
C GLY A 42 -13.46 18.05 29.46
N SER A 43 -12.39 18.43 30.17
CA SER A 43 -11.76 19.73 30.01
C SER A 43 -12.06 20.47 28.72
N GLU A 44 -12.63 21.66 28.83
CA GLU A 44 -12.88 22.46 27.63
C GLU A 44 -11.46 22.93 27.34
N LEU A 45 -10.90 22.31 26.31
CA LEU A 45 -9.54 22.50 25.85
C LEU A 45 -9.58 21.13 25.16
N GLY A 46 -10.76 20.51 25.32
CA GLY A 46 -11.08 19.21 24.76
C GLY A 46 -12.57 19.14 24.53
N LYS A 47 -13.26 18.24 25.24
CA LYS A 47 -14.71 18.05 25.12
C LYS A 47 -15.28 18.39 23.74
N GLN A 48 -15.50 19.68 23.48
CA GLN A 48 -16.06 20.11 22.19
C GLN A 48 -15.03 19.92 21.06
N ALA A 49 -14.56 18.67 20.96
CA ALA A 49 -13.59 18.27 19.96
C ALA A 49 -13.89 16.81 19.64
N LYS A 50 -14.64 16.17 20.52
CA LYS A 50 -15.04 14.77 20.37
C LYS A 50 -15.89 14.59 19.12
N ASP A 51 -16.89 15.45 18.98
CA ASP A 51 -17.80 15.42 17.84
C ASP A 51 -17.11 15.67 16.51
N ILE A 52 -16.25 16.69 16.47
CA ILE A 52 -15.52 16.99 15.24
C ILE A 52 -14.65 15.79 14.87
N MET A 53 -13.82 15.36 15.83
CA MET A 53 -12.91 14.24 15.68
C MET A 53 -13.55 12.92 15.29
N ASP A 54 -14.75 12.66 15.82
CA ASP A 54 -15.44 11.43 15.52
C ASP A 54 -16.12 11.49 14.16
N CYS A 55 -16.49 12.70 13.74
CA CYS A 55 -17.11 12.91 12.43
C CYS A 55 -16.05 12.83 11.33
N GLY A 56 -14.78 12.88 11.75
CA GLY A 56 -13.67 12.81 10.82
C GLY A 56 -13.14 14.17 10.41
N LYS A 57 -13.77 15.24 10.91
CA LYS A 57 -13.38 16.61 10.58
C LYS A 57 -12.21 17.13 11.43
N LEU A 58 -11.65 18.28 11.05
CA LEU A 58 -10.53 18.86 11.78
C LEU A 58 -10.90 19.86 12.88
N VAL A 59 -10.09 19.84 13.93
CA VAL A 59 -10.26 20.72 15.07
C VAL A 59 -9.82 22.10 14.57
N THR A 60 -10.28 23.18 15.20
CA THR A 60 -9.89 24.52 14.75
C THR A 60 -8.38 24.80 14.97
N ASP A 61 -7.79 25.59 14.08
CA ASP A 61 -6.37 25.91 14.22
C ASP A 61 -6.12 26.48 15.59
N GLU A 62 -6.82 27.58 15.90
CA GLU A 62 -6.67 28.26 17.17
C GLU A 62 -6.35 27.27 18.28
N LEU A 63 -7.26 26.32 18.47
CA LEU A 63 -7.15 25.30 19.51
C LEU A 63 -5.83 24.55 19.57
N VAL A 64 -5.47 23.90 18.48
CA VAL A 64 -4.22 23.14 18.45
C VAL A 64 -2.99 24.06 18.51
N ILE A 65 -3.14 25.27 17.99
CA ILE A 65 -2.03 26.22 18.00
C ILE A 65 -1.73 26.59 19.44
N ALA A 66 -2.79 26.86 20.19
CA ALA A 66 -2.67 27.22 21.59
C ALA A 66 -2.17 26.01 22.39
N LEU A 67 -2.76 24.85 22.10
CA LEU A 67 -2.41 23.61 22.76
C LEU A 67 -0.90 23.32 22.61
N VAL A 68 -0.39 23.52 21.40
CA VAL A 68 1.01 23.26 21.16
C VAL A 68 1.91 24.33 21.77
N LYS A 69 1.54 25.60 21.62
CA LYS A 69 2.36 26.67 22.21
C LYS A 69 2.57 26.38 23.69
N GLU A 70 1.53 25.89 24.36
CA GLU A 70 1.63 25.60 25.78
C GLU A 70 2.54 24.42 25.98
N ARG A 71 2.30 23.35 25.25
CA ARG A 71 3.11 22.15 25.38
C ARG A 71 4.60 22.40 25.17
N ILE A 72 4.94 23.08 24.08
CA ILE A 72 6.32 23.42 23.76
C ILE A 72 6.99 24.16 24.89
N ALA A 73 6.22 25.00 25.58
CA ALA A 73 6.74 25.79 26.69
C ALA A 73 7.38 24.94 27.79
N GLN A 74 6.71 23.85 28.19
CA GLN A 74 7.20 22.95 29.23
C GLN A 74 8.73 22.76 29.18
N GLU A 75 9.32 22.48 30.33
CA GLU A 75 10.78 22.31 30.43
C GLU A 75 11.35 21.05 29.79
N ASP A 76 10.50 20.21 29.21
CA ASP A 76 10.98 18.99 28.58
C ASP A 76 10.96 19.19 27.07
N SER A 77 10.63 20.41 26.66
CA SER A 77 10.56 20.77 25.24
C SER A 77 11.64 21.79 24.94
N ARG A 78 12.45 22.10 25.94
CA ARG A 78 13.53 23.08 25.76
C ARG A 78 14.67 22.55 24.90
N ASN A 79 14.75 21.23 24.77
CA ASN A 79 15.80 20.63 23.95
C ASN A 79 15.28 20.09 22.64
N GLY A 80 14.04 20.45 22.32
CA GLY A 80 13.45 19.97 21.07
C GLY A 80 12.16 19.22 21.35
N PHE A 81 11.51 18.81 20.27
CA PHE A 81 10.24 18.11 20.37
C PHE A 81 9.86 17.43 19.07
N LEU A 82 8.91 16.51 19.15
CA LEU A 82 8.45 15.80 17.97
C LEU A 82 6.99 16.13 17.68
N LEU A 83 6.76 16.84 16.58
CA LEU A 83 5.40 17.21 16.21
C LEU A 83 4.77 16.13 15.33
N ASP A 84 3.80 15.41 15.89
CA ASP A 84 3.11 14.34 15.17
C ASP A 84 1.65 14.76 15.01
N GLY A 85 1.27 15.15 13.79
CA GLY A 85 -0.10 15.57 13.56
C GLY A 85 -0.25 17.09 13.48
N PHE A 86 0.80 17.80 13.85
CA PHE A 86 0.80 19.27 13.80
C PHE A 86 2.12 19.75 13.18
N PRO A 87 2.05 20.72 12.26
CA PRO A 87 0.81 21.35 11.78
C PRO A 87 0.05 20.52 10.74
N ARG A 88 -1.27 20.71 10.68
CA ARG A 88 -2.13 20.02 9.72
C ARG A 88 -2.80 21.01 8.77
N THR A 89 -2.33 22.26 8.77
CA THR A 89 -2.90 23.29 7.89
C THR A 89 -1.91 24.43 7.74
N ILE A 90 -1.97 25.12 6.61
CA ILE A 90 -1.09 26.25 6.33
C ILE A 90 -1.16 27.25 7.47
N PRO A 91 -2.39 27.59 7.91
CA PRO A 91 -2.50 28.55 9.02
C PRO A 91 -1.74 28.08 10.26
N GLN A 92 -1.73 26.77 10.50
CA GLN A 92 -1.03 26.22 11.65
C GLN A 92 0.46 26.30 11.39
N ALA A 93 0.83 26.14 10.13
CA ALA A 93 2.21 26.20 9.70
C ALA A 93 2.71 27.63 9.85
N ASP A 94 1.98 28.57 9.26
CA ASP A 94 2.36 29.97 9.36
C ASP A 94 2.40 30.41 10.82
N ALA A 95 1.49 29.88 11.61
CA ALA A 95 1.40 30.21 13.03
C ALA A 95 2.75 29.94 13.70
N MET A 96 3.44 28.90 13.23
CA MET A 96 4.75 28.55 13.78
C MET A 96 5.80 29.57 13.39
N LYS A 97 5.77 30.01 12.13
CA LYS A 97 6.74 31.00 11.68
C LYS A 97 6.57 32.30 12.45
N GLU A 98 5.35 32.80 12.53
CA GLU A 98 5.12 34.04 13.28
C GLU A 98 5.65 33.81 14.69
N ALA A 99 5.56 32.57 15.14
CA ALA A 99 6.03 32.20 16.47
C ALA A 99 7.56 32.11 16.45
N GLY A 100 8.13 32.17 15.24
CA GLY A 100 9.57 32.11 15.08
C GLY A 100 10.18 30.77 15.40
N ILE A 101 9.37 29.72 15.46
CA ILE A 101 9.87 28.40 15.76
C ILE A 101 10.39 27.66 14.53
N ASN A 102 11.69 27.66 14.36
CA ASN A 102 12.32 26.99 13.24
C ASN A 102 12.36 25.49 13.54
N VAL A 103 12.22 24.66 12.52
CA VAL A 103 12.23 23.20 12.71
C VAL A 103 13.36 22.51 11.93
N ASP A 104 14.04 21.58 12.57
CA ASP A 104 15.14 20.86 11.92
C ASP A 104 14.67 19.98 10.75
N TYR A 105 13.78 19.04 11.02
CA TYR A 105 13.30 18.17 9.97
C TYR A 105 11.80 18.12 9.85
N VAL A 106 11.32 17.89 8.63
CA VAL A 106 9.90 17.70 8.40
C VAL A 106 9.92 16.41 7.57
N LEU A 107 9.50 15.32 8.22
CA LEU A 107 9.47 14.00 7.59
C LEU A 107 8.12 13.71 6.93
N GLU A 108 8.15 13.42 5.64
CA GLU A 108 6.95 13.14 4.87
C GLU A 108 6.72 11.64 4.85
N PHE A 109 5.61 11.19 5.44
CA PHE A 109 5.28 9.77 5.46
C PHE A 109 4.40 9.41 4.25
N ASP A 110 5.01 8.72 3.29
CA ASP A 110 4.29 8.33 2.08
C ASP A 110 3.56 6.99 2.19
N VAL A 111 2.23 7.03 2.05
CA VAL A 111 1.39 5.84 2.14
C VAL A 111 0.12 5.97 1.28
N PRO A 112 -0.16 4.97 0.43
CA PRO A 112 -1.35 4.96 -0.44
C PRO A 112 -2.59 4.85 0.43
N ASP A 113 -3.56 5.72 0.20
CA ASP A 113 -4.81 5.71 0.98
C ASP A 113 -5.44 4.32 0.97
N GLU A 114 -4.95 3.50 0.05
CA GLU A 114 -5.42 2.14 -0.12
C GLU A 114 -5.06 1.29 1.11
N LEU A 115 -3.87 1.51 1.66
CA LEU A 115 -3.43 0.78 2.85
C LEU A 115 -4.20 1.30 4.05
N ILE A 116 -4.23 2.62 4.14
CA ILE A 116 -4.88 3.32 5.23
C ILE A 116 -6.07 2.56 5.81
N VAL A 117 -7.15 2.46 5.05
CA VAL A 117 -8.36 1.80 5.51
C VAL A 117 -8.24 0.35 6.00
N ASP A 118 -7.32 -0.42 5.42
CA ASP A 118 -7.13 -1.80 5.86
C ASP A 118 -6.26 -1.77 7.10
N ARG A 119 -5.48 -0.69 7.20
CA ARG A 119 -4.56 -0.49 8.30
C ARG A 119 -5.22 0.02 9.59
N ILE A 120 -6.15 0.97 9.48
CA ILE A 120 -6.77 1.48 10.69
C ILE A 120 -7.83 0.56 11.30
N VAL A 121 -8.30 -0.42 10.53
CA VAL A 121 -9.30 -1.34 11.05
C VAL A 121 -8.75 -2.14 12.22
N GLY A 122 -7.64 -2.84 11.99
CA GLY A 122 -7.04 -3.66 13.04
C GLY A 122 -6.19 -2.89 14.04
N ARG A 123 -6.26 -1.57 13.99
CA ARG A 123 -5.49 -0.78 14.92
C ARG A 123 -6.09 -0.82 16.31
N ARG A 124 -5.26 -1.23 17.25
CA ARG A 124 -5.64 -1.30 18.65
C ARG A 124 -4.61 -0.40 19.31
N VAL A 125 -5.06 0.50 20.18
CA VAL A 125 -4.15 1.40 20.84
C VAL A 125 -4.23 1.30 22.34
N HIS A 126 -3.33 2.04 22.97
CA HIS A 126 -3.24 2.15 24.42
C HIS A 126 -3.29 3.66 24.62
N ALA A 127 -4.50 4.18 24.67
CA ALA A 127 -4.75 5.60 24.83
C ALA A 127 -3.62 6.42 25.47
N PRO A 128 -3.44 6.34 26.80
CA PRO A 128 -2.44 7.06 27.61
C PRO A 128 -1.06 7.32 27.01
N SER A 129 -0.44 6.27 26.50
CA SER A 129 0.91 6.40 25.94
C SER A 129 0.91 6.84 24.48
N GLY A 130 -0.19 6.59 23.79
CA GLY A 130 -0.25 6.91 22.38
C GLY A 130 0.17 5.63 21.67
N ARG A 131 0.92 4.77 22.37
CA ARG A 131 1.35 3.50 21.81
C ARG A 131 0.22 2.86 21.03
N VAL A 132 0.57 2.29 19.89
CA VAL A 132 -0.42 1.68 19.02
C VAL A 132 0.04 0.35 18.41
N TYR A 133 -0.92 -0.47 17.98
CA TYR A 133 -0.64 -1.78 17.40
C TYR A 133 -1.65 -2.11 16.31
N HIS A 134 -1.43 -3.26 15.67
CA HIS A 134 -2.32 -3.77 14.62
C HIS A 134 -2.50 -5.27 14.82
N VAL A 135 -3.76 -5.70 14.86
CA VAL A 135 -4.07 -7.11 15.06
C VAL A 135 -3.43 -8.06 14.06
N LYS A 136 -2.64 -7.51 13.14
CA LYS A 136 -1.98 -8.34 12.13
C LYS A 136 -0.60 -7.84 11.75
N PHE A 137 -0.49 -6.55 11.43
CA PHE A 137 0.81 -5.99 11.03
C PHE A 137 1.78 -5.77 12.20
N ASN A 138 1.27 -5.24 13.30
CA ASN A 138 2.12 -4.99 14.47
C ASN A 138 1.36 -5.28 15.76
N PRO A 139 1.21 -6.59 16.09
CA PRO A 139 0.51 -7.06 17.28
C PRO A 139 1.30 -7.03 18.57
N PRO A 140 0.59 -6.86 19.69
CA PRO A 140 1.27 -6.83 20.97
C PRO A 140 1.52 -8.27 21.43
N LYS A 141 2.61 -8.49 22.17
CA LYS A 141 2.95 -9.80 22.69
C LYS A 141 1.74 -10.53 23.30
N VAL A 142 0.75 -9.77 23.76
CA VAL A 142 -0.46 -10.37 24.33
C VAL A 142 -1.66 -9.63 23.78
N GLU A 143 -2.67 -10.40 23.36
CA GLU A 143 -3.87 -9.84 22.76
C GLU A 143 -4.72 -8.93 23.65
N GLY A 144 -5.10 -7.79 23.09
CA GLY A 144 -5.91 -6.82 23.82
C GLY A 144 -5.19 -6.16 24.97
N LYS A 145 -3.88 -6.37 25.05
CA LYS A 145 -3.12 -5.80 26.16
C LYS A 145 -1.84 -5.08 25.74
N ASP A 146 -1.60 -3.93 26.39
CA ASP A 146 -0.40 -3.13 26.13
C ASP A 146 0.86 -3.89 26.53
N ASP A 147 1.92 -3.70 25.75
CA ASP A 147 3.19 -4.36 26.03
C ASP A 147 3.87 -3.78 27.25
N VAL A 148 3.89 -2.44 27.33
CA VAL A 148 4.57 -1.79 28.46
C VAL A 148 3.85 -1.84 29.78
N THR A 149 2.59 -1.44 29.78
CA THR A 149 1.82 -1.43 31.00
C THR A 149 0.98 -2.66 31.20
N GLY A 150 0.85 -3.48 30.16
CA GLY A 150 0.04 -4.66 30.30
C GLY A 150 -1.42 -4.28 30.49
N GLU A 151 -1.70 -3.00 30.33
CA GLU A 151 -3.07 -2.49 30.46
C GLU A 151 -3.80 -2.87 29.16
N GLU A 152 -5.12 -3.05 29.24
CA GLU A 152 -5.90 -3.41 28.06
C GLU A 152 -5.89 -2.34 26.97
N LEU A 153 -5.89 -2.78 25.71
CA LEU A 153 -5.88 -1.88 24.56
C LEU A 153 -7.31 -1.55 24.12
N THR A 154 -7.46 -0.47 23.37
CA THR A 154 -8.76 -0.06 22.89
C THR A 154 -8.73 0.20 21.38
N THR A 155 -9.84 0.71 20.85
CA THR A 155 -9.95 1.03 19.44
C THR A 155 -10.55 2.41 19.40
N ARG A 156 -10.13 3.22 18.45
CA ARG A 156 -10.65 4.59 18.38
C ARG A 156 -12.04 4.71 17.75
N LYS A 157 -12.87 5.55 18.37
CA LYS A 157 -14.23 5.78 17.90
C LYS A 157 -14.18 6.20 16.43
N ASP A 158 -13.18 7.01 16.09
CA ASP A 158 -13.01 7.52 14.73
C ASP A 158 -12.40 6.56 13.72
N ASP A 159 -11.99 5.38 14.15
CA ASP A 159 -11.40 4.41 13.24
C ASP A 159 -12.50 3.69 12.45
N GLN A 160 -13.72 4.21 12.52
CA GLN A 160 -14.82 3.61 11.79
C GLN A 160 -14.56 3.80 10.30
N GLU A 161 -14.55 2.71 9.56
CA GLU A 161 -14.31 2.73 8.12
C GLU A 161 -14.69 4.02 7.36
N GLU A 162 -15.93 4.45 7.50
CA GLU A 162 -16.38 5.65 6.81
C GLU A 162 -15.68 6.91 7.30
N THR A 163 -15.53 7.04 8.60
CA THR A 163 -14.87 8.21 9.18
C THR A 163 -13.41 8.26 8.68
N VAL A 164 -12.83 7.08 8.52
CA VAL A 164 -11.45 6.96 8.06
C VAL A 164 -11.39 7.57 6.66
N ARG A 165 -12.40 7.25 5.85
CA ARG A 165 -12.50 7.78 4.50
C ARG A 165 -12.51 9.31 4.61
N LYS A 166 -13.52 9.86 5.26
CA LYS A 166 -13.60 11.30 5.42
C LYS A 166 -12.24 11.86 5.83
N ARG A 167 -11.69 11.31 6.91
CA ARG A 167 -10.41 11.76 7.41
C ARG A 167 -9.32 11.87 6.34
N LEU A 168 -9.20 10.84 5.51
CA LEU A 168 -8.21 10.84 4.46
C LEU A 168 -8.42 12.00 3.51
N CYS A 169 -9.65 12.09 3.00
CA CYS A 169 -10.04 13.15 2.08
C CYS A 169 -9.68 14.47 2.74
N GLU A 170 -10.03 14.61 4.02
CA GLU A 170 -9.73 15.82 4.77
C GLU A 170 -8.24 16.10 4.66
N TYR A 171 -7.45 15.06 4.85
CA TYR A 171 -6.01 15.17 4.79
C TYR A 171 -5.51 15.74 3.47
N HIS A 172 -5.82 15.05 2.38
CA HIS A 172 -5.41 15.46 1.06
C HIS A 172 -5.81 16.89 0.72
N GLN A 173 -6.95 17.32 1.26
CA GLN A 173 -7.48 18.65 1.01
C GLN A 173 -6.85 19.76 1.84
N MET A 174 -6.72 19.53 3.15
CA MET A 174 -6.18 20.53 4.08
C MET A 174 -4.70 20.43 4.45
N THR A 175 -4.25 19.23 4.79
CA THR A 175 -2.88 18.98 5.19
C THR A 175 -1.95 18.81 3.99
N ALA A 176 -2.26 17.85 3.12
CA ALA A 176 -1.44 17.61 1.92
C ALA A 176 -0.77 18.90 1.37
N PRO A 177 -1.47 20.04 1.44
CA PRO A 177 -0.89 21.29 0.96
C PRO A 177 0.44 21.64 1.63
N LEU A 178 0.62 21.18 2.86
CA LEU A 178 1.87 21.44 3.59
C LEU A 178 3.08 20.78 2.95
N ILE A 179 2.87 19.71 2.18
CA ILE A 179 3.97 19.05 1.51
C ILE A 179 4.63 20.15 0.69
N GLY A 180 3.83 20.86 -0.11
CA GLY A 180 4.36 21.95 -0.92
C GLY A 180 4.90 23.10 -0.08
N TYR A 181 4.20 23.42 1.01
CA TYR A 181 4.60 24.51 1.90
C TYR A 181 6.03 24.32 2.38
N TYR A 182 6.22 23.26 3.15
CA TYR A 182 7.53 22.95 3.70
C TYR A 182 8.60 22.63 2.65
N SER A 183 8.19 22.34 1.42
CA SER A 183 9.16 22.06 0.35
C SER A 183 9.81 23.40 0.05
N LYS A 184 8.97 24.40 -0.16
CA LYS A 184 9.42 25.74 -0.43
C LYS A 184 10.34 26.11 0.74
N GLU A 185 9.84 25.94 1.97
CA GLU A 185 10.61 26.23 3.18
C GLU A 185 11.95 25.51 3.17
N ALA A 186 12.01 24.44 2.39
CA ALA A 186 13.22 23.64 2.28
C ALA A 186 14.12 24.29 1.25
N GLU A 187 13.54 24.63 0.10
CA GLU A 187 14.27 25.27 -0.99
C GLU A 187 14.70 26.68 -0.57
N ALA A 188 14.51 26.98 0.71
CA ALA A 188 14.87 28.28 1.28
C ALA A 188 15.69 28.07 2.55
N GLY A 189 16.27 26.89 2.70
CA GLY A 189 17.08 26.57 3.86
C GLY A 189 16.47 26.77 5.23
N ASN A 190 15.15 26.76 5.32
CA ASN A 190 14.51 26.94 6.61
C ASN A 190 14.21 25.62 7.32
N THR A 191 14.60 24.53 6.68
CA THR A 191 14.39 23.20 7.26
C THR A 191 14.84 22.14 6.28
N LYS A 192 15.28 21.00 6.81
CA LYS A 192 15.69 19.89 5.98
C LYS A 192 14.42 19.08 5.79
N TYR A 193 14.05 18.79 4.54
CA TYR A 193 12.84 18.05 4.22
C TYR A 193 13.17 16.64 3.68
N ALA A 194 12.40 15.63 4.10
CA ALA A 194 12.66 14.26 3.66
C ALA A 194 11.47 13.31 3.65
N LYS A 195 11.30 12.63 2.52
CA LYS A 195 10.22 11.66 2.32
C LYS A 195 10.64 10.29 2.85
N VAL A 196 9.66 9.46 3.20
CA VAL A 196 9.91 8.10 3.67
C VAL A 196 8.81 7.18 3.17
N ASP A 197 9.16 5.94 2.87
CA ASP A 197 8.16 5.00 2.43
C ASP A 197 7.50 4.36 3.64
N GLY A 198 6.25 4.74 3.90
CA GLY A 198 5.55 4.19 5.04
C GLY A 198 4.91 2.84 4.83
N THR A 199 5.17 2.20 3.69
CA THR A 199 4.59 0.89 3.41
C THR A 199 5.52 -0.27 3.76
N LYS A 200 6.67 0.04 4.37
CA LYS A 200 7.59 -1.01 4.78
C LYS A 200 7.18 -1.44 6.20
N PRO A 201 7.68 -2.60 6.66
CA PRO A 201 7.28 -2.97 8.01
C PRO A 201 7.84 -1.90 8.95
N VAL A 202 7.27 -1.81 10.14
CA VAL A 202 7.70 -0.83 11.12
C VAL A 202 9.20 -0.71 11.24
N ALA A 203 9.85 -1.87 11.38
CA ALA A 203 11.30 -1.92 11.53
C ALA A 203 12.03 -1.29 10.34
N GLU A 204 11.59 -1.62 9.13
CA GLU A 204 12.23 -1.07 7.94
C GLU A 204 12.11 0.45 7.94
N VAL A 205 10.93 0.94 8.30
CA VAL A 205 10.70 2.37 8.36
C VAL A 205 11.61 2.93 9.45
N ARG A 206 11.67 2.23 10.57
CA ARG A 206 12.49 2.66 11.70
C ARG A 206 13.96 2.77 11.27
N ALA A 207 14.33 2.05 10.23
CA ALA A 207 15.69 2.08 9.72
C ALA A 207 15.90 3.36 8.95
N ASP A 208 14.97 3.63 8.04
CA ASP A 208 14.99 4.82 7.20
C ASP A 208 15.13 6.09 8.03
N LEU A 209 14.33 6.18 9.08
CA LEU A 209 14.39 7.33 9.96
C LEU A 209 15.80 7.40 10.54
N GLU A 210 16.25 6.35 11.21
CA GLU A 210 17.60 6.29 11.77
C GLU A 210 18.55 6.85 10.71
N LYS A 211 18.47 6.30 9.50
CA LYS A 211 19.32 6.73 8.40
C LYS A 211 19.23 8.24 8.19
N ILE A 212 18.02 8.77 8.25
CA ILE A 212 17.84 10.20 8.05
C ILE A 212 18.06 11.06 9.28
N LEU A 213 18.06 10.44 10.47
CA LEU A 213 18.24 11.20 11.71
C LEU A 213 19.58 11.04 12.44
N GLY A 214 20.19 9.86 12.38
CA GLY A 214 21.48 9.64 13.03
C GLY A 214 21.52 8.65 14.20
N MET B 1 3.69 -6.82 -30.59
CA MET B 1 4.31 -6.44 -29.30
C MET B 1 4.11 -7.50 -28.22
N ARG B 2 5.19 -7.83 -27.52
CA ARG B 2 5.19 -8.82 -26.44
C ARG B 2 5.54 -8.12 -25.11
N ILE B 3 4.67 -8.29 -24.12
CA ILE B 3 4.87 -7.64 -22.82
C ILE B 3 4.74 -8.60 -21.65
N ILE B 4 5.61 -8.45 -20.64
CA ILE B 4 5.58 -9.29 -19.45
C ILE B 4 5.14 -8.55 -18.20
N LEU B 5 3.96 -8.87 -17.66
CA LEU B 5 3.51 -8.24 -16.43
C LEU B 5 4.12 -9.04 -15.28
N LEU B 6 4.93 -8.35 -14.48
CA LEU B 6 5.63 -8.95 -13.35
C LEU B 6 5.18 -8.33 -12.03
N GLY B 7 4.71 -9.15 -11.10
CA GLY B 7 4.28 -8.59 -9.84
C GLY B 7 3.74 -9.59 -8.85
N ALA B 8 3.57 -9.14 -7.61
CA ALA B 8 3.05 -9.98 -6.54
C ALA B 8 1.60 -10.35 -6.73
N PRO B 9 1.19 -11.48 -6.16
CA PRO B 9 -0.21 -11.87 -6.30
C PRO B 9 -1.07 -10.67 -5.93
N GLY B 10 -2.07 -10.36 -6.74
CA GLY B 10 -2.95 -9.24 -6.46
C GLY B 10 -2.33 -7.86 -6.65
N ALA B 11 -1.33 -7.77 -7.53
CA ALA B 11 -0.67 -6.49 -7.79
C ALA B 11 -1.48 -5.65 -8.79
N GLY B 12 -2.39 -6.32 -9.51
CA GLY B 12 -3.22 -5.63 -10.48
C GLY B 12 -2.92 -6.01 -11.91
N LYS B 13 -2.16 -7.08 -12.07
CA LYS B 13 -1.76 -7.57 -13.39
C LYS B 13 -2.95 -7.93 -14.29
N GLY B 14 -3.79 -8.87 -13.87
CA GLY B 14 -4.94 -9.23 -14.68
C GLY B 14 -5.82 -8.02 -14.96
N THR B 15 -5.89 -7.12 -13.99
CA THR B 15 -6.68 -5.90 -14.13
C THR B 15 -6.16 -5.03 -15.26
N GLN B 16 -4.87 -4.69 -15.24
CA GLN B 16 -4.31 -3.83 -16.27
C GLN B 16 -4.19 -4.48 -17.63
N ALA B 17 -4.21 -5.80 -17.68
CA ALA B 17 -4.09 -6.52 -18.96
C ALA B 17 -5.35 -6.26 -19.77
N GLN B 18 -6.48 -6.09 -19.09
CA GLN B 18 -7.75 -5.82 -19.75
C GLN B 18 -7.52 -4.63 -20.69
N PHE B 19 -7.04 -3.55 -20.09
CA PHE B 19 -6.74 -2.30 -20.80
C PHE B 19 -5.78 -2.55 -21.95
N ILE B 20 -4.55 -2.92 -21.61
CA ILE B 20 -3.50 -3.18 -22.59
C ILE B 20 -3.97 -4.00 -23.79
N MET B 21 -4.63 -5.12 -23.49
CA MET B 21 -5.14 -5.99 -24.54
C MET B 21 -5.78 -5.16 -25.63
N GLU B 22 -7.00 -4.68 -25.37
CA GLU B 22 -7.74 -3.87 -26.34
C GLU B 22 -6.96 -2.64 -26.86
N LYS B 23 -6.26 -1.96 -25.95
CA LYS B 23 -5.49 -0.78 -26.34
C LYS B 23 -4.34 -1.14 -27.29
N TYR B 24 -4.04 -2.42 -27.44
CA TYR B 24 -2.95 -2.82 -28.31
C TYR B 24 -3.24 -4.07 -29.11
N GLY B 25 -4.48 -4.52 -29.07
CA GLY B 25 -4.87 -5.70 -29.82
C GLY B 25 -3.93 -6.89 -29.73
N ILE B 26 -3.67 -7.36 -28.51
CA ILE B 26 -2.82 -8.53 -28.32
C ILE B 26 -3.44 -9.37 -27.21
N PRO B 27 -3.39 -10.69 -27.36
CA PRO B 27 -3.97 -11.60 -26.37
C PRO B 27 -3.26 -11.59 -25.02
N GLN B 28 -4.04 -11.53 -23.95
CA GLN B 28 -3.41 -11.59 -22.66
C GLN B 28 -3.36 -13.08 -22.32
N ILE B 29 -2.15 -13.57 -22.06
CA ILE B 29 -2.01 -14.98 -21.72
C ILE B 29 -1.73 -15.01 -20.23
N SER B 30 -2.68 -15.53 -19.49
CA SER B 30 -2.52 -15.63 -18.05
C SER B 30 -2.62 -17.09 -17.66
N THR B 31 -1.48 -17.64 -17.24
CA THR B 31 -1.40 -19.03 -16.83
C THR B 31 -2.29 -19.34 -15.65
N GLY B 32 -2.52 -18.38 -14.78
CA GLY B 32 -3.37 -18.64 -13.65
C GLY B 32 -4.75 -18.87 -14.22
N ASP B 33 -5.21 -17.92 -15.03
CA ASP B 33 -6.53 -18.03 -15.62
C ASP B 33 -6.68 -19.35 -16.35
N MET B 34 -5.79 -19.58 -17.31
CA MET B 34 -5.81 -20.81 -18.10
C MET B 34 -5.83 -22.09 -17.24
N LEU B 35 -5.09 -22.09 -16.13
CA LEU B 35 -5.06 -23.24 -15.25
C LEU B 35 -6.38 -23.38 -14.48
N ARG B 36 -7.00 -22.26 -14.13
CA ARG B 36 -8.25 -22.33 -13.41
C ARG B 36 -9.36 -22.87 -14.29
N ALA B 37 -9.20 -22.75 -15.61
CA ALA B 37 -10.20 -23.24 -16.54
C ALA B 37 -9.99 -24.72 -16.87
N ALA B 38 -8.72 -25.13 -16.97
CA ALA B 38 -8.37 -26.50 -17.30
C ALA B 38 -8.78 -27.51 -16.24
N VAL B 39 -8.91 -27.06 -14.99
CA VAL B 39 -9.31 -27.97 -13.94
C VAL B 39 -10.84 -28.13 -13.97
N LYS B 40 -11.54 -27.11 -14.44
CA LYS B 40 -13.01 -27.19 -14.53
C LYS B 40 -13.40 -28.16 -15.64
N SER B 41 -12.45 -28.44 -16.51
CA SER B 41 -12.66 -29.37 -17.62
C SER B 41 -11.62 -30.48 -17.47
N GLY B 42 -11.84 -31.36 -16.49
CA GLY B 42 -10.92 -32.46 -16.22
C GLY B 42 -9.66 -32.49 -17.06
N SER B 43 -9.81 -32.95 -18.31
CA SER B 43 -8.76 -33.08 -19.32
C SER B 43 -7.33 -33.38 -18.87
N GLU B 44 -6.56 -33.95 -19.78
CA GLU B 44 -5.15 -34.29 -19.53
C GLU B 44 -4.38 -32.98 -19.44
N LEU B 45 -4.58 -32.27 -18.32
CA LEU B 45 -3.95 -30.98 -18.09
C LEU B 45 -4.55 -30.39 -16.82
N GLY B 46 -5.88 -30.38 -16.75
CA GLY B 46 -6.59 -29.81 -15.63
C GLY B 46 -6.37 -30.20 -14.18
N LYS B 47 -7.33 -30.93 -13.63
CA LYS B 47 -7.35 -31.38 -12.23
C LYS B 47 -6.04 -31.73 -11.52
N GLN B 48 -4.92 -31.82 -12.24
CA GLN B 48 -3.66 -32.17 -11.58
C GLN B 48 -2.97 -30.96 -10.93
N ALA B 49 -3.63 -29.81 -10.98
CA ALA B 49 -3.07 -28.59 -10.41
C ALA B 49 -4.00 -27.90 -9.41
N LYS B 50 -5.21 -28.41 -9.26
CA LYS B 50 -6.17 -27.81 -8.32
C LYS B 50 -5.67 -27.86 -6.89
N ASP B 51 -5.36 -29.07 -6.44
CA ASP B 51 -4.89 -29.27 -5.07
C ASP B 51 -3.71 -28.38 -4.71
N ILE B 52 -2.76 -28.26 -5.64
CA ILE B 52 -1.59 -27.44 -5.40
C ILE B 52 -1.86 -25.95 -5.49
N MET B 53 -2.71 -25.53 -6.44
CA MET B 53 -3.04 -24.11 -6.57
C MET B 53 -3.77 -23.63 -5.31
N ASP B 54 -4.64 -24.48 -4.81
CA ASP B 54 -5.41 -24.17 -3.62
C ASP B 54 -4.47 -24.12 -2.42
N CYS B 55 -3.48 -25.01 -2.39
CA CYS B 55 -2.51 -25.05 -1.29
C CYS B 55 -1.62 -23.81 -1.27
N GLY B 56 -1.74 -22.99 -2.30
CA GLY B 56 -0.94 -21.77 -2.41
C GLY B 56 0.35 -21.99 -3.16
N LYS B 57 0.68 -23.26 -3.39
CA LYS B 57 1.90 -23.70 -4.07
C LYS B 57 1.88 -23.45 -5.60
N LEU B 58 3.06 -23.50 -6.21
CA LEU B 58 3.19 -23.28 -7.67
C LEU B 58 3.19 -24.54 -8.52
N VAL B 59 2.52 -24.43 -9.66
CA VAL B 59 2.43 -25.50 -10.63
C VAL B 59 3.85 -25.75 -11.16
N THR B 60 4.13 -26.96 -11.64
CA THR B 60 5.46 -27.27 -12.19
C THR B 60 5.73 -26.46 -13.46
N ASP B 61 6.99 -26.06 -13.67
CA ASP B 61 7.32 -25.28 -14.86
C ASP B 61 6.89 -26.07 -16.09
N GLU B 62 7.29 -27.34 -16.14
CA GLU B 62 6.98 -28.21 -17.26
C GLU B 62 5.57 -27.93 -17.78
N LEU B 63 4.61 -28.06 -16.88
CA LEU B 63 3.21 -27.86 -17.18
C LEU B 63 2.93 -26.50 -17.77
N VAL B 64 3.14 -25.49 -16.95
CA VAL B 64 2.92 -24.11 -17.35
C VAL B 64 3.69 -23.69 -18.63
N ILE B 65 4.91 -24.19 -18.78
CA ILE B 65 5.71 -23.84 -19.96
C ILE B 65 5.08 -24.42 -21.22
N ALA B 66 4.68 -25.69 -21.13
CA ALA B 66 4.05 -26.39 -22.25
C ALA B 66 2.83 -25.59 -22.64
N LEU B 67 2.06 -25.25 -21.62
CA LEU B 67 0.83 -24.48 -21.70
C LEU B 67 0.99 -23.22 -22.56
N VAL B 68 2.03 -22.46 -22.28
CA VAL B 68 2.26 -21.23 -23.01
C VAL B 68 2.72 -21.43 -24.46
N LYS B 69 3.60 -22.40 -24.69
CA LYS B 69 4.08 -22.64 -26.04
C LYS B 69 2.90 -22.91 -26.96
N GLU B 70 2.00 -23.79 -26.54
CA GLU B 70 0.84 -24.07 -27.36
C GLU B 70 0.00 -22.83 -27.49
N ARG B 71 -0.17 -22.10 -26.40
CA ARG B 71 -0.97 -20.90 -26.42
C ARG B 71 -0.41 -19.85 -27.38
N ILE B 72 0.89 -19.61 -27.28
CA ILE B 72 1.55 -18.64 -28.15
C ILE B 72 1.49 -19.13 -29.59
N ALA B 73 1.59 -20.44 -29.76
CA ALA B 73 1.53 -21.04 -31.08
C ALA B 73 0.25 -20.69 -31.84
N GLN B 74 -0.81 -20.35 -31.11
CA GLN B 74 -2.10 -20.00 -31.71
C GLN B 74 -1.96 -18.80 -32.66
N GLU B 75 -2.80 -18.75 -33.68
CA GLU B 75 -2.72 -17.69 -34.68
C GLU B 75 -3.13 -16.28 -34.27
N ASP B 76 -3.53 -16.11 -33.01
CA ASP B 76 -3.94 -14.79 -32.52
C ASP B 76 -2.81 -14.15 -31.73
N SER B 77 -1.69 -14.85 -31.65
CA SER B 77 -0.53 -14.37 -30.90
C SER B 77 0.64 -14.16 -31.83
N ARG B 78 0.37 -14.22 -33.13
CA ARG B 78 1.42 -14.05 -34.13
C ARG B 78 1.97 -12.62 -34.21
N ASN B 79 1.11 -11.64 -33.94
CA ASN B 79 1.55 -10.24 -33.97
C ASN B 79 1.68 -9.66 -32.57
N GLY B 80 2.14 -10.47 -31.64
CA GLY B 80 2.30 -10.01 -30.27
C GLY B 80 1.39 -10.70 -29.28
N PHE B 81 1.76 -10.59 -28.00
CA PHE B 81 0.99 -11.20 -26.92
C PHE B 81 1.36 -10.60 -25.56
N LEU B 82 0.54 -10.88 -24.57
CA LEU B 82 0.74 -10.35 -23.24
C LEU B 82 0.85 -11.50 -22.21
N LEU B 83 1.95 -11.53 -21.47
CA LEU B 83 2.13 -12.56 -20.47
C LEU B 83 1.81 -11.99 -19.09
N ASP B 84 0.84 -12.62 -18.41
CA ASP B 84 0.37 -12.24 -17.08
C ASP B 84 0.57 -13.49 -16.20
N GLY B 85 1.40 -13.36 -15.16
CA GLY B 85 1.67 -14.49 -14.28
C GLY B 85 2.64 -15.52 -14.87
N PHE B 86 3.44 -15.10 -15.85
CA PHE B 86 4.41 -15.98 -16.48
C PHE B 86 5.46 -15.22 -17.31
N PRO B 87 6.74 -15.55 -17.13
CA PRO B 87 7.20 -16.57 -16.17
C PRO B 87 7.11 -16.14 -14.70
N ARG B 88 7.25 -17.12 -13.81
CA ARG B 88 7.21 -16.87 -12.38
C ARG B 88 8.38 -17.57 -11.72
N THR B 89 9.26 -18.07 -12.55
CA THR B 89 10.45 -18.76 -12.08
C THR B 89 11.56 -18.56 -13.11
N ILE B 90 12.80 -18.54 -12.63
CA ILE B 90 13.95 -18.38 -13.49
C ILE B 90 13.88 -19.46 -14.57
N PRO B 91 13.58 -20.71 -14.16
CA PRO B 91 13.51 -21.81 -15.13
C PRO B 91 12.48 -21.53 -16.23
N GLN B 92 11.35 -20.93 -15.86
CA GLN B 92 10.33 -20.60 -16.84
C GLN B 92 10.81 -19.43 -17.67
N ALA B 93 11.55 -18.53 -17.03
CA ALA B 93 12.09 -17.36 -17.69
C ALA B 93 13.20 -17.77 -18.64
N ASP B 94 13.99 -18.76 -18.23
CA ASP B 94 15.06 -19.22 -19.09
C ASP B 94 14.42 -19.97 -20.25
N ALA B 95 13.36 -20.69 -19.93
CA ALA B 95 12.61 -21.45 -20.91
C ALA B 95 12.32 -20.58 -22.13
N MET B 96 11.92 -19.33 -21.89
CA MET B 96 11.59 -18.40 -22.97
C MET B 96 12.80 -18.08 -23.83
N LYS B 97 13.97 -17.98 -23.21
CA LYS B 97 15.20 -17.74 -23.95
C LYS B 97 15.54 -19.03 -24.68
N GLU B 98 15.44 -20.16 -23.98
CA GLU B 98 15.72 -21.45 -24.60
C GLU B 98 14.87 -21.48 -25.84
N ALA B 99 13.68 -20.88 -25.74
CA ALA B 99 12.73 -20.83 -26.85
C ALA B 99 13.03 -19.69 -27.81
N GLY B 100 13.93 -18.80 -27.40
CA GLY B 100 14.29 -17.67 -28.24
C GLY B 100 13.15 -16.68 -28.38
N ILE B 101 12.33 -16.58 -27.34
CA ILE B 101 11.18 -15.67 -27.34
C ILE B 101 11.46 -14.35 -26.63
N ASN B 102 11.96 -13.36 -27.37
CA ASN B 102 12.26 -12.05 -26.81
C ASN B 102 11.00 -11.20 -26.60
N VAL B 103 11.03 -10.29 -25.62
CA VAL B 103 9.88 -9.42 -25.34
C VAL B 103 10.26 -7.94 -25.36
N ASP B 104 9.28 -7.08 -25.64
CA ASP B 104 9.52 -5.65 -25.70
C ASP B 104 9.61 -5.01 -24.33
N TYR B 105 8.55 -5.11 -23.55
CA TYR B 105 8.57 -4.52 -22.24
C TYR B 105 8.35 -5.52 -21.14
N VAL B 106 9.01 -5.27 -20.02
CA VAL B 106 8.85 -6.12 -18.85
C VAL B 106 8.32 -5.13 -17.83
N LEU B 107 7.01 -5.16 -17.62
CA LEU B 107 6.38 -4.25 -16.67
C LEU B 107 6.42 -4.81 -15.25
N GLU B 108 7.01 -4.06 -14.35
CA GLU B 108 7.14 -4.46 -12.97
C GLU B 108 6.14 -3.72 -12.09
N PHE B 109 5.15 -4.45 -11.58
CA PHE B 109 4.12 -3.87 -10.71
C PHE B 109 4.59 -3.83 -9.26
N ASP B 110 4.78 -2.63 -8.75
CA ASP B 110 5.22 -2.49 -7.37
C ASP B 110 4.06 -2.36 -6.42
N VAL B 111 3.91 -3.36 -5.55
CA VAL B 111 2.84 -3.33 -4.56
C VAL B 111 3.27 -3.93 -3.22
N PRO B 112 3.18 -3.11 -2.13
CA PRO B 112 3.54 -3.50 -0.75
C PRO B 112 2.63 -4.65 -0.33
N ASP B 113 3.22 -5.64 0.31
CA ASP B 113 2.47 -6.81 0.73
C ASP B 113 1.20 -6.54 1.53
N GLU B 114 1.16 -5.43 2.26
CA GLU B 114 0.00 -5.09 3.07
C GLU B 114 -1.28 -5.03 2.24
N LEU B 115 -1.20 -4.39 1.07
CA LEU B 115 -2.34 -4.26 0.17
C LEU B 115 -2.82 -5.63 -0.26
N ILE B 116 -1.88 -6.39 -0.81
CA ILE B 116 -2.16 -7.72 -1.32
C ILE B 116 -3.27 -8.49 -0.62
N VAL B 117 -3.12 -8.75 0.67
CA VAL B 117 -4.14 -9.50 1.38
C VAL B 117 -5.47 -8.75 1.50
N ASP B 118 -5.44 -7.42 1.47
CA ASP B 118 -6.66 -6.63 1.57
C ASP B 118 -7.29 -6.51 0.19
N ARG B 119 -6.44 -6.56 -0.82
CA ARG B 119 -6.91 -6.49 -2.20
C ARG B 119 -7.60 -7.76 -2.62
N ILE B 120 -6.93 -8.90 -2.43
CA ILE B 120 -7.53 -10.17 -2.80
C ILE B 120 -8.76 -10.50 -1.95
N VAL B 121 -8.89 -9.79 -0.84
CA VAL B 121 -10.03 -9.96 0.04
C VAL B 121 -11.28 -9.81 -0.81
N GLY B 122 -11.63 -8.57 -1.09
CA GLY B 122 -12.82 -8.29 -1.87
C GLY B 122 -12.67 -8.47 -3.37
N ARG B 123 -11.95 -9.51 -3.79
CA ARG B 123 -11.79 -9.75 -5.21
C ARG B 123 -12.83 -10.73 -5.76
N ARG B 124 -13.65 -10.21 -6.67
CA ARG B 124 -14.68 -11.01 -7.35
C ARG B 124 -14.20 -11.10 -8.79
N VAL B 125 -14.35 -12.26 -9.42
CA VAL B 125 -13.89 -12.42 -10.79
C VAL B 125 -14.88 -13.09 -11.72
N HIS B 126 -14.64 -12.95 -13.03
CA HIS B 126 -15.46 -13.57 -14.03
C HIS B 126 -14.52 -14.61 -14.64
N ALA B 127 -14.54 -15.81 -14.05
CA ALA B 127 -13.68 -16.90 -14.48
C ALA B 127 -13.35 -16.96 -15.98
N PRO B 128 -14.34 -17.25 -16.83
CA PRO B 128 -14.13 -17.35 -18.29
C PRO B 128 -13.29 -16.25 -18.94
N SER B 129 -13.38 -15.03 -18.45
CA SER B 129 -12.64 -13.94 -19.07
C SER B 129 -11.44 -13.45 -18.29
N GLY B 130 -11.45 -13.70 -16.98
CA GLY B 130 -10.35 -13.24 -16.16
C GLY B 130 -10.65 -11.86 -15.59
N ARG B 131 -11.50 -11.09 -16.27
CA ARG B 131 -11.90 -9.78 -15.81
C ARG B 131 -12.12 -9.88 -14.31
N VAL B 132 -11.41 -9.04 -13.57
CA VAL B 132 -11.50 -9.06 -12.14
C VAL B 132 -12.02 -7.74 -11.58
N TYR B 133 -12.68 -7.82 -10.42
CA TYR B 133 -13.23 -6.66 -9.74
C TYR B 133 -12.84 -6.72 -8.27
N HIS B 134 -13.17 -5.66 -7.55
CA HIS B 134 -12.92 -5.57 -6.12
C HIS B 134 -14.17 -4.96 -5.51
N VAL B 135 -14.75 -5.63 -4.53
CA VAL B 135 -15.97 -5.15 -3.90
C VAL B 135 -15.80 -3.80 -3.21
N LYS B 136 -14.66 -3.15 -3.46
CA LYS B 136 -14.38 -1.84 -2.86
C LYS B 136 -13.58 -0.93 -3.78
N PHE B 137 -12.40 -1.38 -4.22
CA PHE B 137 -11.58 -0.54 -5.09
C PHE B 137 -12.04 -0.48 -6.55
N ASN B 138 -12.37 -1.64 -7.11
CA ASN B 138 -12.80 -1.68 -8.51
C ASN B 138 -14.01 -2.58 -8.64
N PRO B 139 -15.19 -2.10 -8.21
CA PRO B 139 -16.44 -2.85 -8.26
C PRO B 139 -17.16 -2.92 -9.59
N PRO B 140 -17.93 -3.99 -9.80
CA PRO B 140 -18.66 -4.13 -11.05
C PRO B 140 -19.87 -3.20 -10.98
N LYS B 141 -20.26 -2.62 -12.12
CA LYS B 141 -21.41 -1.73 -12.17
C LYS B 141 -22.62 -2.34 -11.43
N VAL B 142 -22.69 -3.66 -11.41
CA VAL B 142 -23.77 -4.38 -10.71
C VAL B 142 -23.17 -5.49 -9.85
N GLU B 143 -23.45 -5.43 -8.56
CA GLU B 143 -22.94 -6.41 -7.60
C GLU B 143 -23.16 -7.87 -7.98
N GLY B 144 -22.11 -8.67 -7.80
CA GLY B 144 -22.17 -10.08 -8.10
C GLY B 144 -22.17 -10.52 -9.56
N LYS B 145 -22.28 -9.57 -10.49
CA LYS B 145 -22.30 -9.96 -11.90
C LYS B 145 -21.29 -9.20 -12.75
N ASP B 146 -20.76 -9.90 -13.75
CA ASP B 146 -19.78 -9.36 -14.70
C ASP B 146 -20.38 -8.19 -15.49
N ASP B 147 -19.58 -7.17 -15.81
CA ASP B 147 -20.10 -6.04 -16.57
C ASP B 147 -20.36 -6.45 -18.01
N VAL B 148 -19.35 -7.02 -18.65
CA VAL B 148 -19.45 -7.44 -20.04
C VAL B 148 -20.54 -8.46 -20.38
N THR B 149 -20.65 -9.53 -19.60
CA THR B 149 -21.63 -10.55 -19.90
C THR B 149 -22.72 -10.64 -18.86
N GLY B 150 -22.65 -9.80 -17.84
CA GLY B 150 -23.65 -9.82 -16.80
C GLY B 150 -23.73 -11.20 -16.16
N GLU B 151 -22.69 -12.00 -16.35
CA GLU B 151 -22.66 -13.34 -15.78
C GLU B 151 -22.20 -13.26 -14.34
N GLU B 152 -22.76 -14.13 -13.51
CA GLU B 152 -22.43 -14.17 -12.08
C GLU B 152 -20.91 -14.27 -11.86
N LEU B 153 -20.39 -13.41 -10.98
CA LEU B 153 -18.98 -13.40 -10.66
C LEU B 153 -18.76 -14.38 -9.53
N THR B 154 -17.52 -14.81 -9.36
CA THR B 154 -17.19 -15.76 -8.31
C THR B 154 -15.90 -15.35 -7.62
N THR B 155 -15.54 -16.14 -6.61
CA THR B 155 -14.35 -15.90 -5.83
C THR B 155 -13.46 -17.13 -5.90
N ARG B 156 -12.16 -16.94 -5.97
CA ARG B 156 -11.23 -18.05 -6.06
C ARG B 156 -11.01 -18.78 -4.74
N LYS B 157 -11.05 -20.10 -4.82
CA LYS B 157 -10.85 -20.94 -3.65
C LYS B 157 -9.50 -20.63 -3.01
N ASP B 158 -8.54 -20.15 -3.82
CA ASP B 158 -7.20 -19.85 -3.30
C ASP B 158 -7.02 -18.42 -2.80
N ASP B 159 -8.07 -17.62 -2.85
CA ASP B 159 -7.97 -16.25 -2.36
C ASP B 159 -8.16 -16.21 -0.84
N GLN B 160 -8.27 -17.40 -0.24
CA GLN B 160 -8.41 -17.49 1.21
C GLN B 160 -7.23 -16.74 1.81
N GLU B 161 -7.43 -16.07 2.94
CA GLU B 161 -6.37 -15.31 3.59
C GLU B 161 -5.06 -16.06 3.66
N GLU B 162 -5.05 -17.16 4.42
CA GLU B 162 -3.88 -18.01 4.60
C GLU B 162 -3.13 -18.27 3.30
N THR B 163 -3.82 -18.89 2.36
CA THR B 163 -3.27 -19.24 1.05
C THR B 163 -2.64 -18.02 0.36
N VAL B 164 -3.29 -16.86 0.49
CA VAL B 164 -2.78 -15.62 -0.08
C VAL B 164 -1.41 -15.38 0.52
N ARG B 165 -1.35 -15.45 1.84
CA ARG B 165 -0.10 -15.28 2.57
C ARG B 165 0.92 -16.21 1.92
N LYS B 166 0.60 -17.51 1.88
CA LYS B 166 1.48 -18.48 1.26
C LYS B 166 1.91 -18.02 -0.12
N ARG B 167 0.91 -17.78 -0.97
CA ARG B 167 1.16 -17.35 -2.36
C ARG B 167 2.09 -16.14 -2.41
N LEU B 168 1.93 -15.23 -1.45
CA LEU B 168 2.73 -14.03 -1.40
C LEU B 168 4.15 -14.36 -1.01
N CYS B 169 4.30 -15.31 -0.09
CA CYS B 169 5.63 -15.73 0.33
C CYS B 169 6.26 -16.40 -0.87
N GLU B 170 5.45 -17.20 -1.56
CA GLU B 170 5.91 -17.90 -2.75
C GLU B 170 6.42 -16.91 -3.79
N TYR B 171 5.68 -15.82 -3.99
CA TYR B 171 6.07 -14.82 -4.95
C TYR B 171 7.47 -14.32 -4.71
N HIS B 172 7.68 -13.79 -3.52
CA HIS B 172 8.96 -13.24 -3.12
C HIS B 172 10.08 -14.26 -3.12
N GLN B 173 9.72 -15.52 -2.92
CA GLN B 173 10.69 -16.59 -2.88
C GLN B 173 11.06 -17.14 -4.26
N MET B 174 10.06 -17.34 -5.12
CA MET B 174 10.31 -17.90 -6.45
C MET B 174 10.34 -16.89 -7.60
N THR B 175 9.34 -16.03 -7.65
CA THR B 175 9.23 -15.04 -8.71
C THR B 175 10.09 -13.80 -8.52
N ALA B 176 9.95 -13.14 -7.38
CA ALA B 176 10.72 -11.92 -7.07
C ALA B 176 12.13 -11.84 -7.69
N PRO B 177 12.83 -12.99 -7.81
CA PRO B 177 14.16 -12.97 -8.42
C PRO B 177 14.18 -12.57 -9.90
N LEU B 178 13.04 -12.71 -10.58
CA LEU B 178 12.94 -12.35 -11.99
C LEU B 178 13.13 -10.85 -12.19
N ILE B 179 13.03 -10.08 -11.11
CA ILE B 179 13.24 -8.63 -11.19
C ILE B 179 14.70 -8.47 -11.56
N GLY B 180 15.57 -9.15 -10.80
CA GLY B 180 17.00 -9.08 -11.08
C GLY B 180 17.27 -9.70 -12.44
N TYR B 181 16.62 -10.83 -12.70
CA TYR B 181 16.79 -11.53 -13.97
C TYR B 181 16.53 -10.62 -15.16
N TYR B 182 15.40 -9.92 -15.15
CA TYR B 182 15.05 -9.04 -16.25
C TYR B 182 15.65 -7.64 -16.19
N SER B 183 16.33 -7.32 -15.08
CA SER B 183 16.99 -6.02 -14.95
C SER B 183 18.28 -6.16 -15.76
N LYS B 184 18.89 -7.33 -15.65
CA LYS B 184 20.10 -7.65 -16.39
C LYS B 184 19.69 -7.67 -17.86
N GLU B 185 18.56 -8.32 -18.11
CA GLU B 185 18.01 -8.41 -19.46
C GLU B 185 17.81 -7.02 -20.02
N ALA B 186 17.52 -6.08 -19.12
CA ALA B 186 17.30 -4.70 -19.51
C ALA B 186 18.64 -4.05 -19.75
N GLU B 187 19.59 -4.33 -18.86
CA GLU B 187 20.94 -3.78 -18.99
C GLU B 187 21.60 -4.31 -20.27
N ALA B 188 21.19 -5.52 -20.66
CA ALA B 188 21.74 -6.14 -21.86
C ALA B 188 20.91 -5.71 -23.07
N GLY B 189 20.15 -4.64 -22.91
CA GLY B 189 19.33 -4.14 -24.00
C GLY B 189 18.47 -5.19 -24.69
N ASN B 190 18.09 -6.24 -23.96
CA ASN B 190 17.26 -7.28 -24.54
C ASN B 190 15.78 -7.09 -24.32
N THR B 191 15.43 -6.00 -23.65
CA THR B 191 14.05 -5.68 -23.37
C THR B 191 14.02 -4.37 -22.59
N LYS B 192 12.93 -3.62 -22.74
CA LYS B 192 12.75 -2.36 -22.03
C LYS B 192 12.11 -2.71 -20.69
N TYR B 193 12.72 -2.23 -19.61
CA TYR B 193 12.23 -2.52 -18.27
C TYR B 193 11.69 -1.25 -17.61
N ALA B 194 10.50 -1.34 -17.06
CA ALA B 194 9.88 -0.19 -16.42
C ALA B 194 9.03 -0.60 -15.22
N LYS B 195 9.14 0.16 -14.13
CA LYS B 195 8.35 -0.11 -12.93
C LYS B 195 7.10 0.77 -12.97
N VAL B 196 6.09 0.42 -12.18
CA VAL B 196 4.87 1.22 -12.12
C VAL B 196 4.35 1.23 -10.71
N ASP B 197 3.77 2.33 -10.27
CA ASP B 197 3.24 2.35 -8.92
C ASP B 197 1.88 1.69 -8.99
N GLY B 198 1.85 0.42 -8.58
CA GLY B 198 0.62 -0.34 -8.59
C GLY B 198 -0.37 0.06 -7.53
N THR B 199 0.07 0.88 -6.57
CA THR B 199 -0.79 1.32 -5.48
C THR B 199 -1.74 2.45 -5.86
N LYS B 200 -1.56 3.04 -7.04
CA LYS B 200 -2.45 4.12 -7.48
C LYS B 200 -3.75 3.51 -8.00
N PRO B 201 -4.83 4.30 -8.02
CA PRO B 201 -6.09 3.74 -8.53
C PRO B 201 -5.91 3.35 -9.98
N VAL B 202 -6.47 2.21 -10.34
CA VAL B 202 -6.40 1.66 -11.69
C VAL B 202 -6.14 2.61 -12.85
N ALA B 203 -6.94 3.66 -12.97
CA ALA B 203 -6.79 4.63 -14.06
C ALA B 203 -5.40 5.26 -14.10
N GLU B 204 -4.90 5.71 -12.96
CA GLU B 204 -3.57 6.31 -12.93
C GLU B 204 -2.54 5.27 -13.33
N VAL B 205 -2.78 4.04 -12.92
CA VAL B 205 -1.88 2.95 -13.27
C VAL B 205 -2.06 2.73 -14.76
N ARG B 206 -3.30 2.90 -15.23
CA ARG B 206 -3.62 2.73 -16.63
C ARG B 206 -2.89 3.80 -17.45
N ALA B 207 -2.82 5.01 -16.88
CA ALA B 207 -2.18 6.15 -17.53
C ALA B 207 -0.66 6.02 -17.68
N ASP B 208 0.02 5.63 -16.62
CA ASP B 208 1.48 5.47 -16.68
C ASP B 208 1.81 4.47 -17.78
N LEU B 209 1.10 3.36 -17.80
CA LEU B 209 1.32 2.33 -18.80
C LEU B 209 1.19 2.95 -20.18
N GLU B 210 0.24 3.85 -20.35
CA GLU B 210 0.06 4.52 -21.65
C GLU B 210 1.30 5.36 -21.89
N LYS B 211 1.80 6.01 -20.84
CA LYS B 211 2.99 6.83 -20.98
C LYS B 211 4.17 5.90 -21.31
N ILE B 212 4.21 4.74 -20.66
CA ILE B 212 5.28 3.78 -20.85
C ILE B 212 5.14 2.93 -22.11
N LEU B 213 3.93 2.86 -22.66
CA LEU B 213 3.68 2.05 -23.87
C LEU B 213 3.31 2.85 -25.12
N GLY B 214 2.75 4.05 -24.95
CA GLY B 214 2.40 4.88 -26.09
C GLY B 214 0.95 4.82 -26.56
C1 JPY C . -20.62 14.07 11.38
C4 JPY C . -19.93 14.55 10.11
O2 JPY C . -18.90 14.00 9.72
N1 JPY C . -20.51 15.58 9.44
C5 JPY C . -19.86 16.29 8.33
C6 JPY C . -19.85 15.42 7.06
C21 JPY C . -18.55 15.14 6.31
C10 JPY C . -18.69 14.28 5.09
C20 JPY C . -17.26 15.64 6.68
C19 JPY C . -16.08 15.33 5.90
C12 JPY C . -16.14 14.52 4.73
C13 JPY C . -15.01 14.18 3.94
C14 JPY C . -15.15 13.36 2.77
C15 JPY C . -16.41 12.82 2.34
C16 JPY C . -17.60 13.08 3.06
C11 JPY C . -17.46 13.96 4.29
C17 JPY C . -18.88 12.59 2.70
C18 JPY C . -20.06 12.89 3.48
C9 JPY C . -20.02 13.71 4.64
C8 JPY C . -21.16 14.03 5.42
C7 JPY C . -21.07 14.85 6.59
C1 JPY D . -11.82 15.77 0.67
C4 JPY D . -12.80 16.33 1.67
O2 JPY D . -12.54 16.31 2.86
N1 JPY D . -13.95 16.82 1.20
C5 JPY D . -14.73 17.77 1.97
C6 JPY D . -16.21 17.41 1.98
C21 JPY D . -17.12 17.93 3.07
C10 JPY D . -18.55 17.51 2.96
C20 JPY D . -16.72 18.78 4.14
C19 JPY D . -17.65 19.23 5.14
C12 JPY D . -19.03 18.87 5.10
C13 JPY D . -19.99 19.30 6.04
C14 JPY D . -21.36 18.90 5.93
C15 JPY D . -21.84 18.06 4.88
C16 JPY D . -20.95 17.57 3.88
C11 JPY D . -19.52 17.99 3.98
C17 JPY D . -21.35 16.74 2.80
C18 JPY D . -20.41 16.28 1.82
C9 JPY D . -19.04 16.64 1.86
C8 JPY D . -18.11 16.20 0.90
C7 JPY D . -16.75 16.58 0.95
PA AP5 E . -4.70 11.95 14.87
O1A AP5 E . -4.59 10.87 15.85
O2A AP5 E . -4.24 13.32 15.53
O3A AP5 E . -3.74 11.64 13.60
PB AP5 E . -4.49 10.64 12.51
O1B AP5 E . -5.63 9.92 13.12
O2B AP5 E . -5.08 11.49 11.29
O3B AP5 E . -3.36 9.61 11.97
PG AP5 E . -3.42 8.23 12.80
O1G AP5 E . -4.71 7.57 12.53
O2G AP5 E . -3.27 8.48 14.39
O3G AP5 E . -2.25 7.23 12.28
PD AP5 E . -0.80 7.68 12.82
O1D AP5 E . -0.87 9.04 13.42
O2D AP5 E . 0.23 7.73 11.57
O3D AP5 E . -0.28 6.59 13.95
PE AP5 E . -0.16 5.07 13.35
O1E AP5 E . 0.21 5.08 11.93
O2E AP5 E . 1.00 4.30 14.15
O5F AP5 E . -6.21 12.12 14.35
C5F AP5 E . -7.05 12.26 15.49
C4F AP5 E . -7.84 13.56 15.39
O4F AP5 E . -7.06 14.63 15.91
C3F AP5 E . -8.18 13.90 13.93
O3F AP5 E . -9.51 13.52 13.61
C2F AP5 E . -7.98 15.42 13.86
O2F AP5 E . -9.18 16.10 13.51
C1F AP5 E . -7.48 15.86 15.26
N9A AP5 E . -6.30 16.74 15.09
C8A AP5 E . -5.01 16.47 15.47
N7A AP5 E . -4.23 17.45 15.16
C5A AP5 E . -4.94 18.42 14.57
C6A AP5 E . -4.63 19.69 14.03
N6A AP5 E . -3.34 20.15 14.06
N1A AP5 E . -5.62 20.42 13.50
C2A AP5 E . -6.88 19.99 13.46
N3A AP5 E . -7.22 18.80 13.95
C4A AP5 E . -6.29 18.00 14.51
O5J AP5 E . -1.55 4.27 13.57
C5J AP5 E . -1.93 3.64 12.31
C4J AP5 E . -1.85 2.09 12.32
O4J AP5 E . -0.86 1.70 11.38
C3J AP5 E . -1.46 1.50 13.68
O3J AP5 E . -2.48 0.58 14.13
C2J AP5 E . -0.11 0.76 13.44
O2J AP5 E . -0.10 -0.52 14.09
C1J AP5 E . -0.07 0.59 11.90
N9B AP5 E . 1.28 0.74 11.35
C8B AP5 E . 2.18 1.74 11.63
N7B AP5 E . 3.26 1.58 10.95
C5B AP5 E . 3.13 0.48 10.18
C6B AP5 E . 3.96 -0.19 9.25
N6B AP5 E . 5.21 0.31 8.95
N1B AP5 E . 3.50 -1.31 8.65
C2B AP5 E . 2.29 -1.80 8.92
N3B AP5 E . 1.48 -1.20 9.80
C4B AP5 E . 1.86 -0.08 10.44
MG MG F . -0.94 9.09 15.39
C1 JPY G . -1.69 -28.19 0.95
C4 JPY G . -0.56 -27.27 1.36
O2 JPY G . -0.73 -26.06 1.36
N1 JPY G . 0.61 -27.85 1.74
C5 JPY G . 1.92 -27.17 1.67
C6 JPY G . 2.11 -26.21 2.83
C21 JPY G . 2.67 -24.81 2.59
C10 JPY G . 2.80 -23.94 3.82
C20 JPY G . 3.06 -24.27 1.33
C19 JPY G . 3.57 -22.92 1.19
C12 JPY G . 3.72 -22.05 2.31
C13 JPY G . 4.22 -20.73 2.24
C14 JPY G . 4.34 -19.91 3.41
C15 JPY G . 3.98 -20.38 4.71
C16 JPY G . 3.46 -21.68 4.90
C11 JPY G . 3.33 -22.56 3.67
C17 JPY G . 3.08 -22.23 6.16
C18 JPY G . 2.57 -23.55 6.30
C9 JPY G . 2.41 -24.44 5.19
C8 JPY G . 1.90 -25.76 5.30
C7 JPY G . 1.76 -26.61 4.16
C1 JPY H . 8.14 -18.12 1.19
C4 JPY H . 7.64 -19.55 1.19
O2 JPY H . 6.64 -19.84 0.55
N1 JPY H . 8.33 -20.44 1.90
C5 JPY H . 8.19 -21.87 1.65
C6 JPY H . 7.65 -22.63 2.85
C21 JPY H . 7.10 -24.04 2.67
C10 JPY H . 6.60 -24.70 3.92
C20 JPY H . 7.04 -24.74 1.44
C19 JPY H . 6.51 -26.07 1.35
C12 JPY H . 6.02 -26.76 2.50
C13 JPY H . 5.48 -28.09 2.47
C14 JPY H . 5.01 -28.71 3.67
C15 JPY H . 5.03 -28.06 4.95
C16 JPY H . 5.55 -26.75 5.09
C11 JPY H . 6.05 -26.07 3.83
C17 JPY H . 5.61 -26.04 6.32
C18 JPY H . 6.14 -24.71 6.40
C9 JPY H . 6.64 -24.01 5.25
C8 JPY H . 7.15 -22.70 5.31
C7 JPY H . 7.65 -22.04 4.16
PA AP5 I . -2.66 -16.25 -10.78
O1A AP5 I . -3.90 -16.49 -11.52
O2A AP5 I . -1.67 -15.38 -11.71
O3A AP5 I . -3.00 -15.47 -9.41
PB AP5 I . -1.75 -14.57 -8.86
O1B AP5 I . -1.71 -14.73 -7.39
O2B AP5 I . -0.35 -15.06 -9.46
O3B AP5 I . -1.96 -13.00 -9.25
PG AP5 I . -3.50 -12.59 -9.06
O1G AP5 I . -4.01 -13.19 -7.81
O2G AP5 I . -4.35 -13.15 -10.31
O3G AP5 I . -3.70 -10.97 -8.93
PD AP5 I . -3.20 -10.11 -10.23
O1D AP5 I . -3.59 -10.76 -11.49
O2D AP5 I . -1.61 -9.93 -10.19
O3D AP5 I . -3.85 -8.61 -10.14
PE AP5 I . -5.48 -8.65 -10.20
O1E AP5 I . -5.96 -7.34 -10.65
O2E AP5 I . -5.98 -9.75 -11.24
O5F AP5 I . -1.97 -17.65 -10.44
C5F AP5 I . -2.97 -18.43 -9.75
C4F AP5 I . -2.43 -19.82 -9.48
O4F AP5 I . -1.98 -20.44 -10.70
C3F AP5 I . -1.27 -19.72 -8.50
O3F AP5 I . -1.63 -20.26 -7.22
C2F AP5 I . -0.10 -20.48 -9.17
O2F AP5 I . 0.35 -21.56 -8.38
C1F AP5 I . -0.64 -20.97 -10.54
N9A AP5 I . 0.26 -20.47 -11.62
C8A AP5 I . -0.07 -19.55 -12.59
N7A AP5 I . 0.96 -19.34 -13.37
C5A AP5 I . 1.99 -20.10 -12.96
C6A AP5 I . 3.34 -20.27 -13.38
N6A AP5 I . 3.81 -19.56 -14.47
N1A AP5 I . 4.13 -21.13 -12.72
C2A AP5 I . 3.67 -21.83 -11.66
N3A AP5 I . 2.42 -21.68 -11.21
C4A AP5 I . 1.56 -20.84 -11.82
O5J AP5 I . -6.12 -9.01 -8.75
C5J AP5 I . -5.77 -7.99 -7.82
C4J AP5 I . -7.01 -7.38 -7.10
O4J AP5 I . -6.66 -6.02 -6.86
C3J AP5 I . -8.25 -7.40 -8.01
O3J AP5 I . -9.36 -7.94 -7.28
C2J AP5 I . -8.55 -5.92 -8.35
O2J AP5 I . -9.93 -5.60 -8.19
C1J AP5 I . -7.65 -5.10 -7.40
N9B AP5 I . -6.90 -4.04 -8.06
C8B AP5 I . -6.22 -4.15 -9.26
N7B AP5 I . -5.64 -3.01 -9.54
C5B AP5 I . -5.91 -2.12 -8.55
C6B AP5 I . -5.56 -0.75 -8.30
N6B AP5 I . -4.75 -0.06 -9.18
N1B AP5 I . -6.02 -0.16 -7.18
C2B AP5 I . -6.79 -0.82 -6.31
N3B AP5 I . -7.14 -2.10 -6.50
C4B AP5 I . -6.72 -2.77 -7.59
MG MG J . -4.52 -12.19 -12.42
#